data_7XI4
#
_entry.id   7XI4
#
_cell.length_a   105.243
_cell.length_b   105.243
_cell.length_c   215.126
_cell.angle_alpha   90.000
_cell.angle_beta   90.000
_cell.angle_gamma   90.000
#
_symmetry.space_group_name_H-M   'P 41 21 2'
#
loop_
_entity.id
_entity.type
_entity.pdbx_description
1 polymer 'Aryl hydrocarbon receptor nuclear translocator'
2 polymer 'Neuronal PAS domain protein 4'
3 polymer "DNA (5'-D(*GP*GP*AP*GP*GP*TP*CP*GP*TP*GP*AP*GP*TP*GP*AP*T)-3')"
4 polymer "DNA (5'-D(P*CP*CP*AP*TP*CP*AP*CP*TP*CP*AP*CP*GP*AP*CP*CP*T)-3')"
#
loop_
_entity_poly.entity_id
_entity_poly.type
_entity_poly.pdbx_seq_one_letter_code
_entity_poly.pdbx_strand_id
1 'polypeptide(L)'
;SSADKERLARENHSEIERRRRNKMTAYITELSDMVPTCSALARKPDKLTILRMAVSHMKSLRGTGNTSTDGSYKPSFLTD
QELKHLILEAADGFLFIVSCETGRVVYVSDSVTPVLNQPQSEWFGSTLYDQVHPDDVDKLREQLSTSENALTGRVLDLKT
GTVKKEGQQSSMRMCMGSRRSFICRMRCGTSSVDPVSMNRLSFLRNRCRNGLGSVKEGEPHFVVVHCTGYIKAWPPAGVS
LPDDDPEAGQGSKFCLVAIGRLQVTSSPNCTDMSNICQPTEFISRHNIEGIFTFVDHRCVATVGYQPQELLGKNIVEFCH
PEDQQLLRDSFQQVVKLKGQVLSVMFRFRSKTREWLWMRTSSFTFQNPYSDEIEYIICTNTNV
;
A
2 'polypeptide(L)'
;MYRSTKGASKARRDQINAEIRNLKELLPLAEADKVRLSYLHIMSLACIYTRKGVFFAGGTPLAGPTGLLSAQELEDIVAA
LPGFLLVFTAEGKLLYLSESVSEHLGHSMVDLVAQGDSIYDIIDPADHLTVRQQLTMPSALDADRLFRCRFNTSKSLRRQ
SSGNKLVLIRGRFHAHPPGAYWAGNPVFTAFCAPLEPRPRPGPGPGPGPGPASLFLAMFQSRHAKDLALLDVSESVLIYL
GFERSELLCKSWYGLLHPEDLAQASSQHYRLLAESGDIQAEMVVRLQAKHGGWTWIYCMLYSEGPEGPITANNYPISDTE
AWSLRQQLNSEDTQAAYVLGTPAVLPSFLEHHHHHH
;
B
3 'polydeoxyribonucleotide' (DG)(DG)(DA)(DG)(DG)(DT)(DC)(DG)(DT)(DG)(DA)(DG)(DT)(DG)(DA)(DT) C
4 'polydeoxyribonucleotide' (DC)(DC)(DA)(DT)(DC)(DA)(DC)(DT)(DC)(DA)(DC)(DG)(DA)(DC)(DC)(DT) D
#
loop_
_chem_comp.id
_chem_comp.type
_chem_comp.name
_chem_comp.formula
DA DNA linking 2'-DEOXYADENOSINE-5'-MONOPHOSPHATE 'C10 H14 N5 O6 P'
DC DNA linking 2'-DEOXYCYTIDINE-5'-MONOPHOSPHATE 'C9 H14 N3 O7 P'
DG DNA linking 2'-DEOXYGUANOSINE-5'-MONOPHOSPHATE 'C10 H14 N5 O7 P'
DT DNA linking THYMIDINE-5'-MONOPHOSPHATE 'C10 H15 N2 O8 P'
#
# COMPACT_ATOMS: atom_id res chain seq x y z
N SER A 1 -8.73 49.51 25.48
CA SER A 1 -7.36 49.42 24.96
C SER A 1 -6.74 48.08 25.29
N SER A 2 -5.84 48.06 26.28
CA SER A 2 -5.33 46.79 26.78
C SER A 2 -6.43 46.00 27.50
N ALA A 3 -7.38 46.71 28.10
CA ALA A 3 -8.55 46.06 28.68
C ALA A 3 -9.49 45.52 27.61
N ASP A 4 -9.40 46.03 26.38
CA ASP A 4 -10.16 45.47 25.27
C ASP A 4 -9.50 44.21 24.73
N LYS A 5 -8.18 44.11 24.83
CA LYS A 5 -7.51 42.85 24.52
C LYS A 5 -7.78 41.81 25.61
N GLU A 6 -8.12 42.26 26.82
CA GLU A 6 -8.38 41.34 27.93
C GLU A 6 -9.54 40.40 27.61
N ARG A 7 -10.70 40.96 27.29
CA ARG A 7 -11.87 40.14 27.01
C ARG A 7 -11.88 39.60 25.59
N LEU A 8 -10.97 40.04 24.73
CA LEU A 8 -10.81 39.45 23.40
C LEU A 8 -9.91 38.23 23.43
N ALA A 9 -8.86 38.25 24.26
CA ALA A 9 -8.14 37.02 24.56
C ALA A 9 -8.98 36.11 25.46
N ARG A 10 -9.81 36.71 26.32
CA ARG A 10 -10.83 35.93 27.03
C ARG A 10 -11.83 35.34 26.06
N GLU A 11 -12.06 36.00 24.92
CA GLU A 11 -12.90 35.41 23.88
C GLU A 11 -12.25 34.17 23.29
N ASN A 12 -10.94 34.24 23.01
CA ASN A 12 -10.22 33.05 22.57
C ASN A 12 -10.34 31.92 23.59
N HIS A 13 -10.26 32.27 24.88
CA HIS A 13 -10.42 31.27 25.94
C HIS A 13 -11.81 30.66 25.93
N SER A 14 -12.84 31.51 25.79
CA SER A 14 -14.21 31.02 25.76
C SER A 14 -14.43 30.09 24.57
N GLU A 15 -13.82 30.39 23.43
CA GLU A 15 -13.98 29.53 22.26
C GLU A 15 -13.18 28.23 22.40
N ILE A 16 -12.01 28.29 23.05
CA ILE A 16 -11.29 27.05 23.37
C ILE A 16 -12.16 26.15 24.23
N GLU A 17 -12.80 26.73 25.25
CA GLU A 17 -13.70 25.94 26.08
C GLU A 17 -14.91 25.44 25.29
N ARG A 18 -15.41 26.25 24.37
CA ARG A 18 -16.51 25.84 23.50
C ARG A 18 -16.15 24.60 22.71
N ARG A 19 -14.97 24.62 22.08
CA ARG A 19 -14.49 23.45 21.35
C ARG A 19 -14.32 22.26 22.28
N ARG A 20 -13.77 22.49 23.47
CA ARG A 20 -13.64 21.42 24.47
C ARG A 20 -14.98 20.76 24.76
N ARG A 21 -16.01 21.59 25.00
CA ARG A 21 -17.32 21.08 25.38
C ARG A 21 -17.95 20.29 24.25
N ASN A 22 -18.00 20.88 23.05
CA ASN A 22 -18.58 20.17 21.91
C ASN A 22 -17.78 18.93 21.56
N LYS A 23 -16.48 18.93 21.82
CA LYS A 23 -15.66 17.74 21.53
C LYS A 23 -15.97 16.61 22.51
N MET A 24 -16.08 16.93 23.80
CA MET A 24 -16.50 15.92 24.76
C MET A 24 -17.87 15.38 24.39
N THR A 25 -18.82 16.28 24.08
CA THR A 25 -20.15 15.85 23.67
C THR A 25 -20.11 15.00 22.40
N ALA A 26 -19.13 15.23 21.52
CA ALA A 26 -19.02 14.45 20.29
C ALA A 26 -18.50 13.04 20.59
N TYR A 27 -17.43 12.95 21.37
CA TYR A 27 -16.97 11.65 21.87
C TYR A 27 -18.13 10.89 22.49
N ILE A 28 -18.93 11.60 23.29
CA ILE A 28 -20.05 11.01 24.01
C ILE A 28 -21.13 10.51 23.05
N THR A 29 -21.53 11.35 22.08
CA THR A 29 -22.59 10.95 21.16
C THR A 29 -22.16 9.82 20.25
N GLU A 30 -20.87 9.80 19.86
CA GLU A 30 -20.36 8.70 19.05
C GLU A 30 -20.35 7.41 19.85
N LEU A 31 -19.82 7.45 21.08
CA LEU A 31 -19.93 6.30 21.97
C LEU A 31 -21.36 5.82 22.09
N SER A 32 -22.32 6.76 22.14
CA SER A 32 -23.73 6.40 22.22
C SER A 32 -24.15 5.61 21.00
N ASP A 33 -24.03 6.21 19.81
CA ASP A 33 -24.42 5.52 18.58
C ASP A 33 -23.55 4.30 18.26
N MET A 34 -22.51 4.02 19.05
CA MET A 34 -21.65 2.86 18.81
C MET A 34 -22.05 1.64 19.62
N VAL A 35 -22.07 1.75 20.94
CA VAL A 35 -22.33 0.57 21.77
C VAL A 35 -23.82 0.22 21.67
N PRO A 36 -24.18 -1.04 21.38
CA PRO A 36 -25.59 -1.34 21.05
C PRO A 36 -26.57 -1.02 22.17
N THR A 37 -26.18 -1.14 23.44
CA THR A 37 -27.08 -0.85 24.54
C THR A 37 -27.37 0.65 24.60
N CYS A 38 -26.79 1.41 23.68
CA CYS A 38 -27.12 2.82 23.51
C CYS A 38 -27.26 3.24 22.05
N SER A 39 -27.06 2.33 21.10
CA SER A 39 -27.11 2.68 19.69
C SER A 39 -28.51 2.58 19.11
N ALA A 40 -29.53 2.32 19.93
CA ALA A 40 -30.88 2.10 19.44
C ALA A 40 -31.86 3.18 19.88
N LEU A 41 -31.98 3.43 21.18
CA LEU A 41 -32.97 4.36 21.71
C LEU A 41 -32.73 5.76 21.16
N ALA A 42 -33.64 6.23 20.30
CA ALA A 42 -33.45 7.51 19.62
C ALA A 42 -33.48 8.67 20.60
N ARG A 43 -34.23 8.54 21.68
CA ARG A 43 -34.16 9.45 22.81
C ARG A 43 -32.91 9.07 23.63
N LYS A 44 -31.75 9.45 23.07
CA LYS A 44 -30.46 9.11 23.64
C LYS A 44 -30.46 9.37 25.14
N PRO A 45 -30.24 8.37 25.97
CA PRO A 45 -30.30 8.59 27.42
C PRO A 45 -29.26 9.60 27.86
N ASP A 46 -29.46 10.13 29.07
CA ASP A 46 -28.62 11.21 29.54
C ASP A 46 -27.15 10.75 29.60
N LYS A 47 -26.26 11.74 29.52
CA LYS A 47 -24.82 11.47 29.38
C LYS A 47 -24.34 10.50 30.45
N LEU A 48 -24.89 10.60 31.66
CA LEU A 48 -24.50 9.69 32.73
C LEU A 48 -24.90 8.26 32.40
N THR A 49 -26.10 8.05 31.83
CA THR A 49 -26.53 6.69 31.51
C THR A 49 -25.61 6.03 30.50
N ILE A 50 -25.19 6.78 29.49
CA ILE A 50 -24.35 6.18 28.47
C ILE A 50 -22.96 5.96 29.02
N LEU A 51 -22.50 6.83 29.93
CA LEU A 51 -21.23 6.57 30.61
C LEU A 51 -21.31 5.28 31.42
N ARG A 52 -22.45 5.04 32.07
CA ARG A 52 -22.62 3.83 32.87
C ARG A 52 -22.60 2.58 31.99
N MET A 53 -23.40 2.59 30.92
CA MET A 53 -23.43 1.43 30.03
C MET A 53 -22.10 1.23 29.31
N ALA A 54 -21.32 2.31 29.13
CA ALA A 54 -19.98 2.18 28.58
C ALA A 54 -19.05 1.50 29.57
N VAL A 55 -19.11 1.90 30.84
CA VAL A 55 -18.41 1.18 31.90
C VAL A 55 -18.78 -0.29 31.86
N SER A 56 -20.07 -0.57 31.63
CA SER A 56 -20.53 -1.96 31.52
C SER A 56 -19.82 -2.70 30.39
N HIS A 57 -19.92 -2.17 29.17
CA HIS A 57 -19.33 -2.85 28.01
C HIS A 57 -17.82 -3.04 28.17
N MET A 58 -17.12 -1.99 28.62
CA MET A 58 -15.66 -2.07 28.73
C MET A 58 -15.23 -3.21 29.63
N LYS A 59 -15.83 -3.30 30.83
CA LYS A 59 -15.39 -4.29 31.80
C LYS A 59 -15.82 -5.70 31.41
N SER A 60 -17.04 -5.84 30.87
CA SER A 60 -17.49 -7.16 30.44
C SER A 60 -16.61 -7.71 29.32
N LEU A 61 -16.13 -6.83 28.45
CA LEU A 61 -15.16 -7.26 27.43
C LEU A 61 -13.82 -7.59 28.07
N ARG A 62 -13.39 -6.80 29.04
CA ARG A 62 -12.11 -7.00 29.72
C ARG A 62 -12.25 -7.88 30.95
N GLY A 63 -12.88 -9.04 30.77
CA GLY A 63 -13.00 -10.04 31.81
C GLY A 63 -11.89 -11.07 31.81
N THR A 64 -10.96 -10.97 30.87
CA THR A 64 -9.86 -11.92 30.79
C THR A 64 -8.93 -11.78 31.98
N GLY A 65 -8.11 -12.80 32.20
CA GLY A 65 -7.27 -12.90 33.37
C GLY A 65 -6.58 -14.25 33.44
N ASN A 66 -6.66 -14.90 34.60
CA ASN A 66 -6.13 -16.25 34.75
C ASN A 66 -7.17 -17.17 35.36
N LYS A 74 2.80 -3.89 27.29
CA LYS A 74 1.36 -3.87 27.08
C LYS A 74 0.75 -5.21 27.45
N PRO A 75 -0.02 -5.25 28.55
CA PRO A 75 -0.67 -6.52 28.93
C PRO A 75 -1.73 -6.94 27.93
N SER A 76 -2.32 -5.97 27.24
CA SER A 76 -3.56 -6.17 26.48
C SER A 76 -3.63 -5.05 25.44
N PHE A 77 -4.85 -4.62 25.10
CA PHE A 77 -5.20 -3.60 24.12
C PHE A 77 -5.19 -4.19 22.72
N LEU A 78 -4.84 -5.46 22.59
CA LEU A 78 -5.00 -6.29 21.41
C LEU A 78 -4.59 -7.70 21.80
N THR A 79 -5.33 -8.68 21.28
CA THR A 79 -5.03 -10.08 21.55
C THR A 79 -4.06 -10.60 20.48
N ASP A 80 -3.27 -11.60 20.86
CA ASP A 80 -2.47 -12.31 19.87
C ASP A 80 -3.37 -12.83 18.75
N GLN A 81 -4.55 -13.34 19.10
CA GLN A 81 -5.54 -13.72 18.11
C GLN A 81 -5.92 -12.55 17.23
N GLU A 82 -6.22 -11.40 17.84
CA GLU A 82 -6.73 -10.25 17.10
C GLU A 82 -5.68 -9.72 16.11
N LEU A 83 -4.47 -9.44 16.61
CA LEU A 83 -3.41 -8.96 15.75
C LEU A 83 -3.11 -9.95 14.63
N LYS A 84 -3.02 -11.25 14.97
CA LYS A 84 -2.69 -12.23 13.94
C LYS A 84 -3.79 -12.32 12.88
N HIS A 85 -5.06 -12.26 13.31
CA HIS A 85 -6.16 -12.26 12.37
C HIS A 85 -6.05 -11.08 11.40
N LEU A 86 -5.79 -9.89 11.94
CA LEU A 86 -5.70 -8.73 11.07
C LEU A 86 -4.52 -8.84 10.11
N ILE A 87 -3.35 -9.27 10.60
CA ILE A 87 -2.21 -9.42 9.69
C ILE A 87 -2.47 -10.52 8.67
N LEU A 88 -3.28 -11.52 9.01
CA LEU A 88 -3.66 -12.53 8.02
C LEU A 88 -4.45 -11.88 6.89
N GLU A 89 -5.48 -11.10 7.24
CA GLU A 89 -6.27 -10.44 6.21
C GLU A 89 -5.79 -9.02 5.91
N ALA A 90 -4.50 -8.71 6.09
CA ALA A 90 -4.01 -7.40 5.69
C ALA A 90 -2.68 -7.43 4.97
N ALA A 91 -1.81 -8.35 5.35
CA ALA A 91 -0.41 -8.31 4.92
C ALA A 91 -0.21 -8.69 3.46
N ASP A 92 -1.29 -8.93 2.72
CA ASP A 92 -1.18 -9.46 1.35
C ASP A 92 -0.30 -10.69 1.29
N GLY A 93 -0.30 -11.47 2.37
CA GLY A 93 0.52 -12.66 2.47
C GLY A 93 -0.30 -13.90 2.79
N PHE A 94 0.33 -14.91 3.37
CA PHE A 94 -0.36 -16.17 3.59
C PHE A 94 0.33 -16.97 4.68
N LEU A 95 -0.38 -17.97 5.19
CA LEU A 95 0.08 -18.84 6.27
C LEU A 95 0.38 -20.23 5.72
N PHE A 96 1.56 -20.77 6.08
CA PHE A 96 1.93 -22.12 5.67
C PHE A 96 2.77 -22.74 6.78
N ILE A 97 2.13 -23.54 7.62
CA ILE A 97 2.86 -24.29 8.64
C ILE A 97 3.58 -25.46 7.97
N VAL A 98 4.85 -25.63 8.31
CA VAL A 98 5.68 -26.71 7.76
C VAL A 98 6.34 -27.44 8.93
N SER A 99 7.17 -28.42 8.59
CA SER A 99 7.81 -29.28 9.58
C SER A 99 9.24 -28.84 9.83
N CYS A 100 9.71 -29.10 11.06
CA CYS A 100 11.08 -28.79 11.46
C CYS A 100 11.99 -30.02 11.48
N GLU A 101 11.44 -31.22 11.31
CA GLU A 101 12.24 -32.43 11.22
C GLU A 101 12.46 -32.86 9.77
N THR A 102 11.41 -32.83 8.96
CA THR A 102 11.51 -33.13 7.53
C THR A 102 11.18 -31.91 6.66
N GLY A 103 10.00 -31.32 6.80
CA GLY A 103 9.67 -30.12 6.05
C GLY A 103 8.29 -30.15 5.42
N ARG A 104 7.77 -31.37 5.33
CA ARG A 104 6.46 -31.62 4.76
C ARG A 104 5.38 -30.71 5.34
N VAL A 105 4.55 -30.13 4.46
CA VAL A 105 3.60 -29.08 4.86
C VAL A 105 2.58 -29.62 5.86
N VAL A 106 2.31 -28.84 6.90
CA VAL A 106 1.42 -29.26 7.98
C VAL A 106 0.04 -28.63 7.78
N TYR A 107 0.00 -27.29 7.82
CA TYR A 107 -1.25 -26.56 7.65
C TYR A 107 -1.04 -25.46 6.61
N VAL A 108 -2.10 -25.15 5.88
CA VAL A 108 -2.06 -24.12 4.84
C VAL A 108 -3.38 -23.35 4.89
N SER A 109 -3.30 -22.05 4.63
CA SER A 109 -4.46 -21.17 4.71
C SER A 109 -5.06 -20.96 3.32
N ASP A 110 -6.34 -20.60 3.31
CA ASP A 110 -7.00 -20.16 2.08
C ASP A 110 -6.64 -18.73 1.71
N SER A 111 -5.84 -18.05 2.53
CA SER A 111 -5.37 -16.71 2.19
C SER A 111 -4.32 -16.74 1.08
N VAL A 112 -3.73 -17.92 0.81
CA VAL A 112 -2.95 -18.08 -0.41
C VAL A 112 -3.85 -18.03 -1.63
N THR A 113 -5.14 -18.34 -1.45
CA THR A 113 -6.03 -18.59 -2.57
C THR A 113 -6.18 -17.39 -3.50
N PRO A 114 -6.43 -16.15 -3.02
CA PRO A 114 -6.59 -15.04 -3.97
C PRO A 114 -5.37 -14.15 -4.15
N VAL A 115 -4.33 -14.28 -3.32
CA VAL A 115 -3.24 -13.31 -3.36
C VAL A 115 -2.38 -13.50 -4.61
N LEU A 116 -1.97 -14.75 -4.88
CA LEU A 116 -1.32 -15.10 -6.14
C LEU A 116 -2.12 -16.16 -6.88
N ASN A 117 -3.40 -16.31 -6.55
CA ASN A 117 -4.29 -17.27 -7.19
C ASN A 117 -3.72 -18.68 -7.14
N GLN A 118 -3.24 -19.08 -5.97
CA GLN A 118 -2.69 -20.39 -5.70
C GLN A 118 -3.72 -21.28 -5.00
N PRO A 119 -3.78 -22.56 -5.33
CA PRO A 119 -4.69 -23.46 -4.62
C PRO A 119 -4.27 -23.61 -3.16
N GLN A 120 -5.24 -23.90 -2.30
CA GLN A 120 -4.98 -23.91 -0.86
C GLN A 120 -4.28 -25.19 -0.43
N SER A 121 -4.97 -26.33 -0.52
CA SER A 121 -4.47 -27.57 0.04
C SER A 121 -3.65 -28.38 -0.96
N GLU A 122 -3.03 -27.73 -1.94
CA GLU A 122 -2.08 -28.42 -2.78
C GLU A 122 -0.72 -28.54 -2.09
N TRP A 123 -0.36 -27.55 -1.28
CA TRP A 123 0.84 -27.66 -0.45
C TRP A 123 0.70 -28.81 0.53
N PHE A 124 -0.42 -28.85 1.25
CA PHE A 124 -0.75 -30.01 2.06
C PHE A 124 -0.99 -31.19 1.11
N GLY A 125 -0.49 -32.37 1.47
CA GLY A 125 -0.38 -33.48 0.56
C GLY A 125 0.98 -33.58 -0.14
N SER A 126 1.77 -32.51 -0.14
CA SER A 126 3.11 -32.49 -0.72
C SER A 126 4.06 -31.90 0.30
N THR A 127 5.35 -31.99 0.00
CA THR A 127 6.40 -31.30 0.74
C THR A 127 6.70 -29.95 0.10
N LEU A 128 7.50 -29.13 0.80
CA LEU A 128 7.70 -27.77 0.35
C LEU A 128 8.79 -27.67 -0.72
N TYR A 129 9.79 -28.56 -0.68
CA TYR A 129 10.86 -28.52 -1.67
C TYR A 129 10.41 -28.95 -3.06
N ASP A 130 9.20 -29.52 -3.18
CA ASP A 130 8.71 -29.99 -4.48
C ASP A 130 8.66 -28.85 -5.50
N GLN A 131 7.97 -27.76 -5.15
CA GLN A 131 7.77 -26.63 -6.04
C GLN A 131 8.49 -25.38 -5.53
N VAL A 132 9.71 -25.57 -5.01
CA VAL A 132 10.56 -24.49 -4.55
C VAL A 132 11.93 -24.67 -5.19
N HIS A 133 12.51 -23.57 -5.66
CA HIS A 133 13.87 -23.56 -6.19
C HIS A 133 14.79 -24.33 -5.25
N PRO A 134 15.39 -25.44 -5.67
CA PRO A 134 16.31 -26.16 -4.79
C PRO A 134 17.49 -25.31 -4.36
N ASP A 135 17.85 -24.29 -5.13
CA ASP A 135 18.97 -23.43 -4.77
C ASP A 135 18.69 -22.61 -3.51
N ASP A 136 17.42 -22.26 -3.26
CA ASP A 136 17.06 -21.63 -1.99
C ASP A 136 16.52 -22.65 -0.99
N VAL A 137 16.83 -23.93 -1.19
CA VAL A 137 16.56 -24.94 -0.17
C VAL A 137 17.76 -25.10 0.77
N ASP A 138 18.98 -24.90 0.24
CA ASP A 138 20.22 -25.27 0.90
C ASP A 138 20.26 -24.83 2.37
N LYS A 139 20.24 -23.52 2.62
CA LYS A 139 20.25 -23.04 3.99
C LYS A 139 18.87 -23.04 4.63
N LEU A 140 17.81 -23.04 3.81
CA LEU A 140 16.46 -23.18 4.36
C LEU A 140 16.36 -24.40 5.25
N ARG A 141 16.79 -25.56 4.73
CA ARG A 141 16.87 -26.77 5.53
C ARG A 141 17.65 -26.56 6.81
N GLU A 142 18.78 -25.83 6.72
CA GLU A 142 19.63 -25.59 7.87
C GLU A 142 19.28 -24.30 8.60
N GLN A 143 18.03 -23.84 8.48
CA GLN A 143 17.56 -22.70 9.26
C GLN A 143 16.52 -23.09 10.30
N LEU A 144 15.53 -23.89 9.92
CA LEU A 144 14.59 -24.49 10.86
C LEU A 144 15.20 -25.67 11.61
N SER A 145 16.51 -25.87 11.51
CA SER A 145 17.16 -27.01 12.12
C SER A 145 17.24 -26.83 13.63
N THR A 146 17.62 -27.91 14.30
CA THR A 146 17.88 -27.92 15.73
C THR A 146 19.38 -27.98 15.96
N SER A 147 19.76 -27.97 17.23
CA SER A 147 21.15 -28.20 17.58
C SER A 147 21.31 -29.64 18.05
N GLY A 177 18.02 -21.30 19.89
CA GLY A 177 17.33 -20.81 18.71
C GLY A 177 17.44 -19.32 18.52
N SER A 178 16.71 -18.79 17.53
CA SER A 178 16.73 -17.37 17.23
C SER A 178 15.41 -17.00 16.57
N ARG A 179 15.13 -15.69 16.57
CA ARG A 179 13.95 -15.19 15.88
C ARG A 179 14.14 -15.33 14.37
N ARG A 180 13.23 -16.07 13.73
CA ARG A 180 13.40 -16.43 12.33
C ARG A 180 13.29 -15.20 11.44
N SER A 181 14.20 -15.08 10.45
CA SER A 181 14.01 -14.07 9.41
C SER A 181 14.58 -14.49 8.06
N PHE A 182 14.61 -15.78 7.73
CA PHE A 182 15.33 -16.20 6.53
C PHE A 182 14.53 -15.87 5.27
N ILE A 183 15.18 -15.17 4.34
CA ILE A 183 14.53 -14.80 3.09
C ILE A 183 14.34 -16.06 2.24
N CYS A 184 13.15 -16.22 1.68
CA CYS A 184 12.82 -17.43 0.93
C CYS A 184 11.91 -17.11 -0.24
N ARG A 185 12.27 -17.61 -1.42
CA ARG A 185 11.42 -17.53 -2.59
C ARG A 185 10.24 -18.50 -2.45
N MET A 186 9.18 -18.23 -3.19
CA MET A 186 7.97 -19.04 -3.10
C MET A 186 7.29 -19.12 -4.46
N ARG A 187 6.67 -20.27 -4.71
CA ARG A 187 5.96 -20.52 -5.96
C ARG A 187 4.68 -19.67 -6.03
N CYS A 188 4.22 -19.45 -7.26
CA CYS A 188 2.95 -18.79 -7.53
C CYS A 188 1.89 -19.82 -7.91
N GLY A 189 0.71 -19.35 -8.32
CA GLY A 189 -0.34 -20.24 -8.74
C GLY A 189 -0.14 -20.77 -10.15
N THR A 190 -0.76 -21.91 -10.43
CA THR A 190 -0.57 -22.59 -11.71
C THR A 190 -1.89 -22.95 -12.39
N SER A 191 -3.03 -22.47 -11.88
CA SER A 191 -4.32 -22.83 -12.44
C SER A 191 -5.25 -21.62 -12.41
N SER A 192 -6.37 -21.75 -13.11
CA SER A 192 -7.40 -20.71 -13.14
C SER A 192 -8.76 -21.31 -13.45
N PHE A 222 8.40 -16.77 -9.25
CA PHE A 222 8.59 -16.88 -7.80
C PHE A 222 8.31 -15.56 -7.09
N VAL A 223 8.02 -15.66 -5.79
CA VAL A 223 7.78 -14.51 -4.93
C VAL A 223 8.38 -14.79 -3.57
N VAL A 224 8.99 -13.78 -2.96
CA VAL A 224 9.71 -13.95 -1.70
C VAL A 224 8.83 -13.51 -0.55
N VAL A 225 8.71 -14.35 0.47
CA VAL A 225 7.98 -14.04 1.69
C VAL A 225 8.99 -13.96 2.83
N HIS A 226 8.99 -12.84 3.55
CA HIS A 226 9.90 -12.63 4.67
C HIS A 226 9.26 -13.21 5.93
N CYS A 227 9.43 -14.52 6.10
CA CYS A 227 8.76 -15.27 7.16
C CYS A 227 9.54 -15.12 8.46
N THR A 228 8.98 -14.37 9.41
CA THR A 228 9.56 -14.20 10.73
C THR A 228 8.67 -14.86 11.78
N GLY A 229 9.30 -15.49 12.77
CA GLY A 229 8.54 -16.15 13.82
C GLY A 229 9.43 -16.98 14.73
N TYR A 230 8.86 -18.06 15.24
CA TYR A 230 9.53 -18.95 16.18
C TYR A 230 9.18 -20.39 15.86
N ILE A 231 10.20 -21.27 15.86
CA ILE A 231 9.96 -22.68 15.61
C ILE A 231 9.17 -23.30 16.76
N LYS A 232 8.55 -24.44 16.48
CA LYS A 232 7.62 -25.05 17.42
C LYS A 232 7.76 -26.57 17.35
N ALA A 233 6.84 -27.26 18.02
CA ALA A 233 6.85 -28.72 18.07
C ALA A 233 6.41 -29.32 16.74
N PHE A 254 9.26 -32.39 14.40
CA PHE A 254 8.77 -31.09 14.84
C PHE A 254 8.19 -30.30 13.66
N CYS A 255 7.76 -29.07 13.92
CA CYS A 255 7.11 -28.24 12.91
C CYS A 255 7.62 -26.81 13.01
N LEU A 256 7.35 -26.04 11.96
CA LEU A 256 7.78 -24.64 11.87
C LEU A 256 6.58 -23.77 11.56
N VAL A 257 6.34 -22.77 12.39
CA VAL A 257 5.28 -21.79 12.19
C VAL A 257 5.91 -20.43 11.93
N ALA A 258 5.53 -19.81 10.81
CA ALA A 258 6.13 -18.54 10.42
C ALA A 258 5.16 -17.79 9.51
N ILE A 259 5.27 -16.45 9.54
CA ILE A 259 4.42 -15.55 8.80
C ILE A 259 5.19 -14.28 8.45
N GLY A 260 4.60 -13.44 7.63
CA GLY A 260 5.19 -12.16 7.29
C GLY A 260 4.62 -11.62 6.00
N ARG A 261 4.69 -10.29 5.88
CA ARG A 261 4.29 -9.65 4.63
C ARG A 261 5.27 -9.98 3.52
N LEU A 262 4.75 -10.19 2.32
CA LEU A 262 5.58 -10.54 1.17
C LEU A 262 6.70 -9.53 0.99
N GLN A 263 7.94 -10.03 0.93
CA GLN A 263 9.09 -9.19 0.71
C GLN A 263 9.26 -8.81 -0.76
N VAL A 264 8.26 -9.11 -1.59
CA VAL A 264 8.22 -8.79 -3.02
C VAL A 264 9.58 -8.92 -3.71
N THR A 280 -10.57 -0.25 -31.28
CA THR A 280 -9.75 -1.41 -31.65
C THR A 280 -8.45 -0.97 -32.29
N GLU A 281 -7.34 -1.12 -31.57
CA GLU A 281 -6.04 -0.68 -32.03
C GLU A 281 -4.96 -1.46 -31.28
N PHE A 282 -3.70 -1.15 -31.60
CA PHE A 282 -2.57 -1.73 -30.89
C PHE A 282 -1.36 -0.83 -31.12
N ILE A 283 -0.59 -0.60 -30.04
CA ILE A 283 0.54 0.32 -30.05
C ILE A 283 1.82 -0.51 -29.87
N SER A 284 2.84 -0.19 -30.65
CA SER A 284 4.06 -0.99 -30.70
C SER A 284 5.29 -0.08 -30.65
N ARG A 285 6.47 -0.71 -30.66
CA ARG A 285 7.75 -0.03 -30.59
C ARG A 285 8.66 -0.55 -31.69
N HIS A 286 9.41 0.36 -32.32
CA HIS A 286 10.33 0.03 -33.39
C HIS A 286 11.69 0.68 -33.13
N ASN A 287 12.69 0.24 -33.89
CA ASN A 287 14.00 0.87 -33.88
C ASN A 287 14.09 1.85 -35.05
N ILE A 288 15.27 2.46 -35.20
CA ILE A 288 15.49 3.41 -36.29
C ILE A 288 15.50 2.72 -37.64
N GLU A 289 15.49 1.40 -37.67
CA GLU A 289 15.42 0.64 -38.92
C GLU A 289 14.07 0.02 -39.17
N GLY A 290 13.34 -0.34 -38.10
CA GLY A 290 11.99 -0.83 -38.23
C GLY A 290 11.75 -2.21 -37.65
N ILE A 291 12.59 -2.64 -36.72
CA ILE A 291 12.44 -3.94 -36.09
C ILE A 291 11.61 -3.78 -34.83
N PHE A 292 10.64 -4.68 -34.63
CA PHE A 292 9.81 -4.67 -33.44
C PHE A 292 10.65 -4.80 -32.18
N THR A 293 10.70 -3.76 -31.36
CA THR A 293 11.28 -3.91 -30.03
C THR A 293 10.23 -4.22 -28.99
N PHE A 294 8.99 -3.79 -29.22
CA PHE A 294 7.86 -4.13 -28.36
C PHE A 294 6.57 -4.04 -29.17
N VAL A 295 5.58 -4.83 -28.76
CA VAL A 295 4.27 -4.83 -29.40
C VAL A 295 3.24 -5.30 -28.37
N ASP A 296 2.12 -4.58 -28.29
CA ASP A 296 1.09 -4.90 -27.31
C ASP A 296 0.36 -6.19 -27.69
N HIS A 297 -0.27 -6.80 -26.69
CA HIS A 297 -0.94 -8.08 -26.89
C HIS A 297 -2.24 -7.97 -27.68
N ARG A 298 -2.70 -6.76 -27.97
CA ARG A 298 -3.90 -6.58 -28.79
C ARG A 298 -3.70 -7.01 -30.24
N CYS A 299 -2.52 -7.50 -30.61
CA CYS A 299 -2.29 -7.96 -31.97
C CYS A 299 -3.12 -9.20 -32.30
N VAL A 300 -3.50 -9.98 -31.29
CA VAL A 300 -4.28 -11.19 -31.55
C VAL A 300 -5.65 -10.87 -32.12
N ALA A 301 -6.09 -9.61 -32.04
CA ALA A 301 -7.38 -9.19 -32.56
C ALA A 301 -7.28 -8.15 -33.67
N THR A 302 -6.10 -7.64 -33.97
CA THR A 302 -5.90 -6.70 -35.07
C THR A 302 -5.17 -7.32 -36.25
N VAL A 303 -4.31 -8.31 -36.01
CA VAL A 303 -3.62 -9.03 -37.06
C VAL A 303 -3.72 -10.54 -36.90
N GLY A 304 -4.37 -11.02 -35.83
CA GLY A 304 -4.46 -12.45 -35.59
C GLY A 304 -3.10 -13.06 -35.31
N TYR A 305 -2.33 -12.43 -34.44
CA TYR A 305 -0.96 -12.83 -34.19
C TYR A 305 -0.63 -12.63 -32.72
N GLN A 306 0.11 -13.57 -32.17
CA GLN A 306 0.73 -13.33 -30.87
C GLN A 306 1.93 -12.40 -31.05
N PRO A 307 2.24 -11.59 -30.03
CA PRO A 307 3.23 -10.52 -30.25
C PRO A 307 4.62 -11.00 -30.60
N GLN A 308 5.04 -12.16 -30.08
CA GLN A 308 6.40 -12.64 -30.37
C GLN A 308 6.59 -12.95 -31.85
N GLU A 309 5.52 -13.28 -32.56
CA GLU A 309 5.63 -13.64 -33.97
C GLU A 309 6.01 -12.44 -34.84
N LEU A 310 5.71 -11.23 -34.41
CA LEU A 310 6.19 -10.04 -35.09
C LEU A 310 7.43 -9.44 -34.45
N LEU A 311 7.63 -9.66 -33.15
CA LEU A 311 8.86 -9.22 -32.49
C LEU A 311 10.06 -9.94 -33.09
N GLY A 312 11.09 -9.18 -33.41
CA GLY A 312 12.28 -9.72 -34.04
C GLY A 312 12.27 -9.65 -35.55
N LYS A 313 11.23 -9.11 -36.17
CA LYS A 313 11.15 -8.93 -37.61
C LYS A 313 10.85 -7.48 -37.93
N ASN A 314 11.03 -7.12 -39.19
CA ASN A 314 10.70 -5.78 -39.67
C ASN A 314 9.35 -5.79 -40.35
N ILE A 315 8.61 -4.67 -40.20
CA ILE A 315 7.26 -4.60 -40.73
C ILE A 315 7.25 -4.68 -42.25
N VAL A 316 8.31 -4.21 -42.90
CA VAL A 316 8.30 -4.04 -44.36
C VAL A 316 8.00 -5.35 -45.08
N GLU A 317 8.35 -6.48 -44.46
CA GLU A 317 8.03 -7.78 -45.06
C GLU A 317 6.53 -7.94 -45.26
N PHE A 318 5.76 -7.67 -44.21
CA PHE A 318 4.32 -7.85 -44.21
C PHE A 318 3.58 -6.74 -44.95
N CYS A 319 4.29 -5.86 -45.63
CA CYS A 319 3.67 -4.81 -46.41
C CYS A 319 3.44 -5.29 -47.84
N HIS A 320 2.37 -4.82 -48.45
CA HIS A 320 2.03 -5.24 -49.79
C HIS A 320 3.08 -4.73 -50.78
N PRO A 321 3.40 -5.51 -51.81
CA PRO A 321 4.39 -5.04 -52.82
C PRO A 321 4.12 -3.63 -53.33
N GLU A 322 2.85 -3.29 -53.56
CA GLU A 322 2.50 -1.96 -54.05
C GLU A 322 2.69 -0.86 -53.01
N ASP A 323 2.92 -1.23 -51.74
CA ASP A 323 3.00 -0.26 -50.65
C ASP A 323 4.32 -0.30 -49.90
N GLN A 324 5.20 -1.23 -50.26
CA GLN A 324 6.44 -1.44 -49.51
C GLN A 324 7.33 -0.19 -49.54
N GLN A 325 7.69 0.24 -50.75
CA GLN A 325 8.59 1.37 -50.93
C GLN A 325 8.00 2.64 -50.32
N LEU A 326 6.69 2.83 -50.47
CA LEU A 326 5.96 3.87 -49.73
C LEU A 326 6.28 3.84 -48.24
N LEU A 327 5.98 2.71 -47.59
CA LEU A 327 6.09 2.67 -46.13
C LEU A 327 7.52 2.90 -45.66
N ARG A 328 8.49 2.30 -46.38
CA ARG A 328 9.90 2.51 -46.05
C ARG A 328 10.24 3.99 -46.11
N ASP A 329 10.01 4.60 -47.28
CA ASP A 329 10.28 6.02 -47.48
C ASP A 329 9.60 6.88 -46.41
N SER A 330 8.35 6.54 -46.09
CA SER A 330 7.61 7.27 -45.06
C SER A 330 8.35 7.26 -43.74
N PHE A 331 8.71 6.08 -43.24
CA PHE A 331 9.43 6.03 -41.96
C PHE A 331 10.76 6.77 -42.03
N GLN A 332 11.42 6.72 -43.19
CA GLN A 332 12.65 7.50 -43.34
C GLN A 332 12.39 8.98 -43.09
N GLN A 333 11.26 9.50 -43.58
CA GLN A 333 10.89 10.88 -43.25
C GLN A 333 10.57 11.05 -41.77
N VAL A 334 9.75 10.15 -41.20
CA VAL A 334 9.27 10.33 -39.83
C VAL A 334 10.44 10.38 -38.86
N VAL A 335 11.54 9.69 -39.17
CA VAL A 335 12.69 9.67 -38.27
C VAL A 335 13.26 11.07 -38.13
N LYS A 336 13.67 11.67 -39.24
CA LYS A 336 14.23 13.02 -39.21
C LYS A 336 13.19 14.10 -39.02
N LEU A 337 11.91 13.75 -38.85
CA LEU A 337 10.89 14.75 -38.53
C LEU A 337 10.85 15.12 -37.04
N LYS A 338 11.89 14.78 -36.26
CA LYS A 338 12.05 15.20 -34.86
C LYS A 338 10.78 14.97 -34.05
N GLY A 339 10.19 13.78 -34.18
CA GLY A 339 9.08 13.39 -33.36
C GLY A 339 7.75 14.01 -33.70
N GLN A 340 7.67 14.84 -34.74
CA GLN A 340 6.38 15.33 -35.18
C GLN A 340 5.52 14.16 -35.65
N VAL A 341 4.33 14.04 -35.05
CA VAL A 341 3.52 12.85 -35.20
C VAL A 341 3.10 12.67 -36.65
N LEU A 342 3.10 11.43 -37.11
CA LEU A 342 2.95 11.18 -38.54
C LEU A 342 2.32 9.81 -38.74
N SER A 343 1.64 9.64 -39.88
CA SER A 343 0.84 8.44 -40.14
C SER A 343 1.15 7.82 -41.50
N VAL A 344 1.05 6.49 -41.56
CA VAL A 344 1.22 5.72 -42.79
C VAL A 344 0.11 4.67 -42.90
N MET A 345 -0.16 4.23 -44.13
CA MET A 345 -1.30 3.37 -44.43
C MET A 345 -0.80 2.24 -45.31
N PHE A 346 -0.72 1.02 -44.76
CA PHE A 346 -0.19 -0.10 -45.53
C PHE A 346 -0.98 -1.36 -45.22
N ARG A 347 -0.99 -2.27 -46.19
CA ARG A 347 -1.72 -3.53 -46.08
C ARG A 347 -0.92 -4.49 -45.22
N PHE A 348 -1.30 -4.58 -43.95
CA PHE A 348 -0.61 -5.47 -43.03
C PHE A 348 -0.96 -6.92 -43.36
N ARG A 349 0.05 -7.78 -43.34
CA ARG A 349 -0.17 -9.19 -43.65
C ARG A 349 -0.85 -9.88 -42.47
N SER A 350 -1.11 -11.18 -42.62
CA SER A 350 -1.81 -11.93 -41.59
C SER A 350 -1.57 -13.41 -41.81
N LYS A 351 -1.52 -14.16 -40.71
CA LYS A 351 -1.53 -15.62 -40.82
C LYS A 351 -2.86 -16.14 -41.32
N THR A 352 -3.93 -15.35 -41.17
CA THR A 352 -5.17 -15.62 -41.89
C THR A 352 -5.02 -15.46 -43.40
N ARG A 353 -3.88 -14.93 -43.85
CA ARG A 353 -3.57 -14.67 -45.26
C ARG A 353 -4.57 -13.71 -45.91
N GLU A 354 -5.43 -13.09 -45.13
CA GLU A 354 -6.32 -12.05 -45.62
C GLU A 354 -5.57 -10.73 -45.70
N TRP A 355 -5.57 -10.12 -46.87
CA TRP A 355 -4.93 -8.82 -47.04
C TRP A 355 -5.86 -7.76 -46.46
N LEU A 356 -5.53 -7.27 -45.26
CA LEU A 356 -6.33 -6.28 -44.58
C LEU A 356 -5.63 -4.93 -44.64
N TRP A 357 -6.37 -3.92 -45.07
CA TRP A 357 -5.87 -2.55 -45.12
C TRP A 357 -5.93 -1.92 -43.74
N MET A 358 -4.95 -1.08 -43.44
CA MET A 358 -4.86 -0.46 -42.12
C MET A 358 -4.00 0.79 -42.20
N ARG A 359 -4.12 1.61 -41.15
CA ARG A 359 -3.36 2.84 -41.01
C ARG A 359 -2.49 2.76 -39.76
N THR A 360 -1.29 3.30 -39.84
CA THR A 360 -0.40 3.35 -38.68
C THR A 360 0.22 4.73 -38.55
N SER A 361 0.09 5.33 -37.37
CA SER A 361 0.68 6.63 -37.08
C SER A 361 1.83 6.46 -36.10
N SER A 362 2.93 7.17 -36.35
CA SER A 362 4.16 6.97 -35.59
C SER A 362 4.89 8.30 -35.42
N PHE A 363 5.74 8.36 -34.40
CA PHE A 363 6.66 9.46 -34.20
C PHE A 363 7.75 9.03 -33.24
N THR A 364 8.77 9.88 -33.11
CA THR A 364 9.97 9.55 -32.35
C THR A 364 9.94 10.22 -30.99
N PHE A 365 10.32 9.47 -29.96
CA PHE A 365 10.53 10.02 -28.62
C PHE A 365 12.02 10.09 -28.35
N GLN A 366 12.51 11.28 -28.02
CA GLN A 366 13.93 11.52 -27.80
C GLN A 366 14.14 11.93 -26.35
N ASN A 367 15.04 11.21 -25.66
CA ASN A 367 15.51 11.62 -24.34
C ASN A 367 15.98 13.07 -24.44
N PRO A 368 15.29 14.00 -23.78
CA PRO A 368 15.51 15.43 -24.05
C PRO A 368 16.96 15.87 -23.92
N TYR A 369 17.76 15.21 -23.09
CA TYR A 369 19.18 15.55 -22.98
C TYR A 369 19.98 14.99 -24.14
N SER A 370 20.00 13.66 -24.28
CA SER A 370 20.78 13.04 -25.34
C SER A 370 20.34 13.50 -26.73
N ASP A 371 19.03 13.75 -26.89
CA ASP A 371 18.42 14.14 -28.16
C ASP A 371 18.60 13.04 -29.19
N GLU A 372 19.20 11.93 -28.78
CA GLU A 372 19.36 10.77 -29.63
C GLU A 372 18.05 10.00 -29.73
N ILE A 373 17.80 9.43 -30.90
CA ILE A 373 16.58 8.66 -31.11
C ILE A 373 16.69 7.39 -30.28
N GLU A 374 15.94 7.33 -29.17
CA GLU A 374 16.00 6.18 -28.28
C GLU A 374 15.08 5.05 -28.73
N TYR A 375 13.88 5.38 -29.22
CA TYR A 375 12.97 4.38 -29.76
C TYR A 375 11.96 5.07 -30.67
N ILE A 376 11.27 4.24 -31.45
CA ILE A 376 10.17 4.66 -32.32
C ILE A 376 8.90 4.02 -31.80
N ILE A 377 7.86 4.83 -31.58
CA ILE A 377 6.56 4.35 -31.11
C ILE A 377 5.56 4.49 -32.24
N CYS A 378 4.90 3.39 -32.57
CA CYS A 378 3.99 3.33 -33.72
C CYS A 378 2.61 2.92 -33.24
N THR A 379 1.64 3.81 -33.44
CA THR A 379 0.24 3.49 -33.21
C THR A 379 -0.33 2.86 -34.48
N ASN A 380 -1.15 1.81 -34.30
CA ASN A 380 -1.68 1.06 -35.42
C ASN A 380 -3.17 0.84 -35.24
N THR A 381 -3.92 0.95 -36.34
CA THR A 381 -5.38 0.83 -36.32
C THR A 381 -5.81 -0.10 -37.46
N ASN A 382 -6.38 -1.25 -37.12
CA ASN A 382 -6.87 -2.21 -38.10
C ASN A 382 -8.29 -1.86 -38.50
N VAL A 383 -8.52 -1.72 -39.80
CA VAL A 383 -9.86 -1.44 -40.31
C VAL A 383 -10.31 -2.56 -41.23
N SER B 4 -28.71 28.31 41.48
CA SER B 4 -28.21 27.67 42.69
C SER B 4 -27.97 26.18 42.48
N THR B 5 -27.56 25.81 41.27
CA THR B 5 -27.24 24.41 40.96
C THR B 5 -25.94 23.96 41.56
N LYS B 6 -25.32 24.79 42.40
CA LYS B 6 -24.03 24.46 43.02
C LYS B 6 -23.99 23.04 43.55
N GLY B 7 -25.01 22.62 44.28
CA GLY B 7 -25.03 21.30 44.88
C GLY B 7 -25.17 20.16 43.89
N ALA B 8 -26.19 20.21 43.05
CA ALA B 8 -26.51 19.08 42.18
C ALA B 8 -25.57 19.01 40.98
N SER B 9 -25.32 20.16 40.33
CA SER B 9 -24.40 20.18 39.20
C SER B 9 -23.03 19.65 39.60
N LYS B 10 -22.60 19.98 40.82
CA LYS B 10 -21.38 19.39 41.38
C LYS B 10 -21.48 17.87 41.38
N ALA B 11 -22.61 17.34 41.86
CA ALA B 11 -22.77 15.89 41.96
C ALA B 11 -22.66 15.25 40.59
N ARG B 12 -23.33 15.81 39.59
CA ARG B 12 -23.24 15.22 38.25
C ARG B 12 -21.83 15.31 37.68
N ARG B 13 -21.18 16.47 37.85
CA ARG B 13 -19.81 16.62 37.37
C ARG B 13 -18.89 15.57 37.98
N ASP B 14 -18.96 15.39 39.30
CA ASP B 14 -18.10 14.43 39.96
C ASP B 14 -18.51 13.00 39.61
N GLN B 15 -19.79 12.75 39.34
CA GLN B 15 -20.23 11.43 38.89
C GLN B 15 -19.59 11.08 37.55
N ILE B 16 -19.60 12.04 36.62
CA ILE B 16 -18.91 11.86 35.35
C ILE B 16 -17.44 11.58 35.58
N ASN B 17 -16.80 12.39 36.43
CA ASN B 17 -15.37 12.20 36.71
C ASN B 17 -15.10 10.81 37.27
N ALA B 18 -15.97 10.30 38.12
CA ALA B 18 -15.76 8.99 38.72
C ALA B 18 -15.92 7.87 37.69
N GLU B 19 -16.95 7.96 36.84
CA GLU B 19 -17.11 6.92 35.83
C GLU B 19 -15.97 6.94 34.81
N ILE B 20 -15.43 8.12 34.48
CA ILE B 20 -14.29 8.14 33.58
C ILE B 20 -12.99 7.75 34.30
N ARG B 21 -12.92 7.89 35.62
CA ARG B 21 -11.82 7.30 36.38
C ARG B 21 -11.86 5.79 36.32
N ASN B 22 -13.06 5.22 36.48
CA ASN B 22 -13.26 3.79 36.27
C ASN B 22 -12.82 3.39 34.87
N LEU B 23 -13.21 4.19 33.87
CA LEU B 23 -12.76 3.97 32.49
C LEU B 23 -11.24 3.94 32.41
N LYS B 24 -10.58 4.91 33.04
CA LYS B 24 -9.13 5.03 32.94
C LYS B 24 -8.44 3.80 33.51
N GLU B 25 -8.70 3.48 34.78
CA GLU B 25 -8.01 2.33 35.36
C GLU B 25 -8.45 1.03 34.72
N LEU B 26 -9.66 0.99 34.15
CA LEU B 26 -10.13 -0.18 33.42
C LEU B 26 -9.64 -0.19 31.98
N LEU B 27 -9.29 0.97 31.42
CA LEU B 27 -8.63 1.02 30.12
C LEU B 27 -7.43 0.08 30.14
N PRO B 28 -7.47 -1.01 29.39
CA PRO B 28 -6.43 -2.03 29.52
C PRO B 28 -5.13 -1.63 28.83
N LEU B 29 -4.72 -0.39 29.04
CA LEU B 29 -3.39 0.06 28.64
C LEU B 29 -2.43 -0.17 29.81
N ALA B 30 -1.16 0.12 29.60
CA ALA B 30 -0.19 0.00 30.67
C ALA B 30 -0.39 0.81 31.95
N GLU B 31 -0.15 0.17 33.09
CA GLU B 31 -0.14 0.92 34.36
C GLU B 31 0.68 2.32 34.44
N ALA B 32 1.71 2.26 33.60
CA ALA B 32 2.64 3.37 33.42
C ALA B 32 2.27 4.72 32.80
N ASP B 33 1.94 4.75 31.51
CA ASP B 33 1.67 6.01 30.84
C ASP B 33 0.35 6.63 31.27
N LYS B 34 -0.54 5.87 31.92
CA LYS B 34 -1.90 6.34 32.14
C LYS B 34 -1.98 7.42 33.20
N VAL B 35 -1.10 7.39 34.21
CA VAL B 35 -1.14 8.44 35.22
C VAL B 35 -0.76 9.79 34.63
N ARG B 36 0.03 9.78 33.55
CA ARG B 36 0.39 10.99 32.82
C ARG B 36 -0.56 11.26 31.67
N LEU B 37 -1.85 11.33 31.97
CA LEU B 37 -2.91 11.50 30.97
C LEU B 37 -3.77 12.70 31.31
N SER B 38 -4.66 13.02 30.37
CA SER B 38 -5.69 14.04 30.53
C SER B 38 -7.06 13.39 30.39
N TYR B 39 -8.10 14.13 30.80
CA TYR B 39 -9.44 13.57 30.80
C TYR B 39 -9.97 13.40 29.39
N LEU B 40 -9.97 14.47 28.59
CA LEU B 40 -10.36 14.38 27.19
C LEU B 40 -9.59 13.27 26.49
N HIS B 41 -8.30 13.16 26.79
CA HIS B 41 -7.46 12.06 26.31
C HIS B 41 -8.06 10.71 26.68
N ILE B 42 -8.35 10.51 27.97
CA ILE B 42 -8.92 9.25 28.43
C ILE B 42 -10.21 8.94 27.68
N MET B 43 -11.03 9.96 27.45
CA MET B 43 -12.30 9.76 26.77
C MET B 43 -12.10 9.26 25.35
N SER B 44 -11.29 9.98 24.56
CA SER B 44 -11.04 9.55 23.19
C SER B 44 -10.45 8.14 23.16
N LEU B 45 -9.54 7.84 24.08
CA LEU B 45 -8.92 6.51 24.12
C LEU B 45 -9.96 5.43 24.39
N ALA B 46 -10.82 5.67 25.39
CA ALA B 46 -11.85 4.69 25.73
C ALA B 46 -12.81 4.47 24.55
N CYS B 47 -13.15 5.54 23.83
CA CYS B 47 -14.00 5.38 22.65
C CYS B 47 -13.34 4.50 21.60
N ILE B 48 -12.03 4.71 21.36
CA ILE B 48 -11.34 3.86 20.39
C ILE B 48 -11.39 2.40 20.82
N TYR B 49 -11.19 2.15 22.12
CA TYR B 49 -11.18 0.76 22.57
C TYR B 49 -12.55 0.12 22.43
N THR B 50 -13.60 0.84 22.84
CA THR B 50 -14.94 0.27 22.74
C THR B 50 -15.33 0.00 21.29
N ARG B 51 -14.97 0.91 20.39
CA ARG B 51 -15.26 0.70 18.96
C ARG B 51 -14.60 -0.59 18.46
N LYS B 52 -13.29 -0.69 18.63
CA LYS B 52 -12.57 -1.88 18.17
C LYS B 52 -13.12 -3.14 18.84
N GLY B 53 -13.50 -3.03 20.11
CA GLY B 53 -13.99 -4.19 20.84
C GLY B 53 -15.31 -4.71 20.30
N VAL B 54 -16.28 -3.83 20.12
CA VAL B 54 -17.57 -4.31 19.61
C VAL B 54 -17.41 -4.79 18.17
N PHE B 55 -16.49 -4.20 17.41
CA PHE B 55 -16.22 -4.72 16.07
C PHE B 55 -15.71 -6.16 16.13
N PHE B 56 -14.69 -6.41 16.96
CA PHE B 56 -14.08 -7.74 16.98
C PHE B 56 -15.02 -8.79 17.57
N ALA B 57 -15.68 -8.46 18.68
CA ALA B 57 -16.53 -9.44 19.35
C ALA B 57 -17.70 -9.86 18.49
N GLY B 58 -18.18 -8.99 17.60
CA GLY B 58 -19.21 -9.35 16.66
C GLY B 58 -18.83 -10.40 15.63
N GLY B 59 -17.57 -10.86 15.65
CA GLY B 59 -17.15 -11.98 14.84
C GLY B 59 -16.46 -13.03 15.69
N THR B 60 -16.27 -14.21 15.08
CA THR B 60 -15.63 -15.34 15.72
C THR B 60 -14.22 -15.55 15.17
N PRO B 61 -13.34 -16.23 15.92
CA PRO B 61 -11.97 -16.53 15.42
C PRO B 61 -11.95 -17.66 14.39
N LEU B 62 -12.29 -17.30 13.14
CA LEU B 62 -12.53 -18.32 12.12
C LEU B 62 -11.24 -18.81 11.46
N ALA B 63 -10.57 -17.95 10.71
CA ALA B 63 -9.48 -18.37 9.83
C ALA B 63 -8.11 -18.08 10.42
N GLY B 64 -8.05 -17.39 11.55
CA GLY B 64 -6.88 -17.30 12.38
C GLY B 64 -6.86 -18.29 13.52
N PRO B 65 -6.58 -19.57 13.26
CA PRO B 65 -6.48 -20.53 14.36
C PRO B 65 -5.48 -20.03 15.39
N THR B 66 -5.78 -20.26 16.65
CA THR B 66 -4.94 -19.76 17.74
C THR B 66 -4.04 -20.88 18.25
N GLY B 67 -3.16 -20.52 19.18
CA GLY B 67 -2.29 -21.49 19.80
C GLY B 67 -1.02 -21.77 19.03
N LEU B 68 -1.05 -21.61 17.70
CA LEU B 68 0.15 -21.81 16.91
C LEU B 68 1.19 -20.74 17.18
N LEU B 69 0.79 -19.61 17.75
CA LEU B 69 1.69 -18.53 18.10
C LEU B 69 1.46 -18.14 19.56
N SER B 70 2.46 -17.47 20.14
CA SER B 70 2.38 -16.93 21.48
C SER B 70 2.30 -15.41 21.43
N ALA B 71 1.73 -14.81 22.48
CA ALA B 71 1.54 -13.36 22.49
C ALA B 71 2.87 -12.62 22.51
N GLN B 72 3.84 -13.12 23.28
CA GLN B 72 5.18 -12.55 23.25
C GLN B 72 5.78 -12.66 21.85
N GLU B 73 5.59 -13.80 21.19
CA GLU B 73 6.07 -13.93 19.82
C GLU B 73 5.28 -13.03 18.88
N LEU B 74 4.03 -12.72 19.20
CA LEU B 74 3.28 -11.73 18.43
C LEU B 74 3.92 -10.35 18.53
N GLU B 75 4.32 -9.96 19.74
CA GLU B 75 5.05 -8.71 19.91
C GLU B 75 6.36 -8.73 19.12
N ASP B 76 7.02 -9.89 19.08
CA ASP B 76 8.19 -10.04 18.21
C ASP B 76 7.84 -9.73 16.76
N ILE B 77 6.78 -10.36 16.26
CA ILE B 77 6.35 -10.15 14.87
C ILE B 77 6.15 -8.67 14.58
N VAL B 78 5.40 -7.98 15.44
CA VAL B 78 5.14 -6.57 15.17
C VAL B 78 6.38 -5.71 15.38
N ALA B 79 7.32 -6.17 16.21
CA ALA B 79 8.61 -5.48 16.31
C ALA B 79 9.45 -5.68 15.06
N ALA B 80 9.13 -6.67 14.24
CA ALA B 80 9.85 -6.93 12.98
C ALA B 80 9.10 -6.41 11.77
N LEU B 81 8.44 -5.24 11.88
CA LEU B 81 7.74 -4.63 10.75
C LEU B 81 8.36 -3.27 10.40
N PRO B 82 8.49 -2.95 9.11
CA PRO B 82 9.10 -1.66 8.74
C PRO B 82 8.13 -0.50 8.73
N GLY B 83 7.29 -0.38 9.75
CA GLY B 83 6.31 0.70 9.78
C GLY B 83 5.25 0.43 10.83
N PHE B 84 4.13 1.14 10.71
CA PHE B 84 3.05 1.06 11.68
C PHE B 84 1.76 0.57 11.03
N LEU B 85 1.01 -0.21 11.79
CA LEU B 85 -0.29 -0.72 11.35
C LEU B 85 -1.36 0.30 11.70
N LEU B 86 -2.37 0.42 10.83
CA LEU B 86 -3.44 1.36 11.11
C LEU B 86 -4.75 0.80 10.60
N VAL B 87 -5.75 0.78 11.46
CA VAL B 87 -7.09 0.36 11.06
C VAL B 87 -8.08 1.44 11.49
N PHE B 88 -8.94 1.86 10.55
CA PHE B 88 -9.84 2.98 10.77
C PHE B 88 -11.08 2.86 9.88
N THR B 89 -12.02 3.78 10.10
CA THR B 89 -13.21 3.91 9.27
C THR B 89 -13.03 5.02 8.23
N ALA B 90 -13.79 4.92 7.14
CA ALA B 90 -13.77 5.97 6.12
C ALA B 90 -14.43 7.25 6.60
N GLU B 91 -15.27 7.19 7.63
CA GLU B 91 -15.79 8.39 8.27
C GLU B 91 -14.70 9.16 9.01
N GLY B 92 -13.49 8.62 9.09
CA GLY B 92 -12.39 9.24 9.79
C GLY B 92 -12.11 8.65 11.16
N LYS B 93 -12.96 7.75 11.64
CA LYS B 93 -12.87 7.28 13.02
C LYS B 93 -11.82 6.19 13.14
N LEU B 94 -10.85 6.41 14.02
CA LEU B 94 -9.75 5.47 14.24
C LEU B 94 -10.27 4.19 14.91
N LEU B 95 -9.58 3.08 14.63
CA LEU B 95 -9.80 1.85 15.39
C LEU B 95 -8.56 1.40 16.15
N TYR B 96 -7.43 1.19 15.48
CA TYR B 96 -6.29 0.69 16.23
C TYR B 96 -4.97 1.10 15.57
N LEU B 97 -3.97 1.29 16.43
CA LEU B 97 -2.62 1.73 16.10
C LEU B 97 -1.63 0.97 16.97
N SER B 98 -0.74 0.19 16.35
CA SER B 98 0.30 -0.51 17.10
C SER B 98 1.34 0.49 17.60
N GLU B 99 1.82 0.27 18.82
CA GLU B 99 2.75 1.21 19.46
C GLU B 99 4.07 1.31 18.72
N SER B 100 4.40 0.32 17.88
CA SER B 100 5.64 0.37 17.11
C SER B 100 5.81 1.68 16.35
N VAL B 101 4.71 2.41 16.12
CA VAL B 101 4.75 3.72 15.48
C VAL B 101 5.82 4.61 16.11
N SER B 102 6.09 4.44 17.40
CA SER B 102 7.14 5.23 18.05
C SER B 102 8.46 5.09 17.32
N GLU B 103 8.92 3.85 17.14
CA GLU B 103 10.18 3.60 16.43
C GLU B 103 10.15 4.10 14.98
N HIS B 104 9.02 4.61 14.52
CA HIS B 104 8.92 5.25 13.21
C HIS B 104 8.32 6.65 13.27
N LEU B 105 7.79 7.08 14.42
CA LEU B 105 7.26 8.44 14.52
C LEU B 105 7.62 9.17 15.81
N GLY B 106 8.25 8.52 16.78
CA GLY B 106 8.66 9.22 17.99
C GLY B 106 7.55 9.39 19.00
N HIS B 107 6.63 10.33 18.72
CA HIS B 107 5.43 10.50 19.55
C HIS B 107 4.73 9.17 19.78
N SER B 108 4.60 8.79 21.05
CA SER B 108 3.96 7.54 21.40
C SER B 108 2.50 7.54 20.93
N MET B 109 1.97 6.33 20.72
CA MET B 109 0.58 6.19 20.30
C MET B 109 -0.38 6.86 21.28
N VAL B 110 -0.11 6.72 22.58
CA VAL B 110 -0.98 7.35 23.57
C VAL B 110 -0.83 8.86 23.54
N ASP B 111 0.36 9.38 23.19
CA ASP B 111 0.52 10.82 23.07
C ASP B 111 -0.09 11.36 21.78
N LEU B 112 -0.39 10.49 20.81
CA LEU B 112 -0.93 10.91 19.53
C LEU B 112 -2.45 10.84 19.47
N VAL B 113 -3.05 9.75 19.92
CA VAL B 113 -4.51 9.61 19.83
C VAL B 113 -5.17 10.45 20.93
N ALA B 114 -4.36 11.20 21.67
CA ALA B 114 -4.86 12.02 22.77
C ALA B 114 -5.61 13.25 22.26
N GLN B 115 -4.90 14.15 21.58
CA GLN B 115 -5.48 15.43 21.18
C GLN B 115 -6.62 15.26 20.19
N GLY B 116 -6.65 14.16 19.46
CA GLY B 116 -7.72 13.92 18.51
C GLY B 116 -7.99 12.44 18.35
N ASP B 117 -9.19 12.12 17.88
CA ASP B 117 -9.59 10.74 17.70
C ASP B 117 -9.96 10.47 16.25
N SER B 118 -9.12 10.93 15.32
CA SER B 118 -9.42 10.76 13.90
C SER B 118 -8.13 10.71 13.10
N ILE B 119 -8.23 10.16 11.89
CA ILE B 119 -7.11 10.18 10.96
C ILE B 119 -6.74 11.62 10.62
N TYR B 120 -7.74 12.47 10.46
CA TYR B 120 -7.56 13.90 10.19
C TYR B 120 -6.99 14.66 11.39
N ASP B 121 -6.68 13.95 12.47
CA ASP B 121 -5.98 14.51 13.62
C ASP B 121 -4.54 14.07 13.72
N ILE B 122 -4.15 13.00 13.02
CA ILE B 122 -2.78 12.52 12.97
C ILE B 122 -2.19 12.69 11.57
N ILE B 123 -2.76 13.59 10.76
CA ILE B 123 -2.35 13.79 9.39
C ILE B 123 -2.26 15.29 9.12
N ASP B 124 -1.22 15.71 8.41
CA ASP B 124 -1.03 17.11 8.09
C ASP B 124 -2.17 17.61 7.21
N PRO B 125 -2.55 18.90 7.35
CA PRO B 125 -3.66 19.42 6.54
C PRO B 125 -3.57 19.11 5.05
N ALA B 126 -2.41 19.37 4.45
CA ALA B 126 -2.28 19.37 2.99
C ALA B 126 -2.92 18.18 2.29
N ASP B 127 -2.68 16.99 2.81
CA ASP B 127 -3.10 15.77 2.13
C ASP B 127 -4.52 15.33 2.47
N HIS B 128 -5.18 16.00 3.44
CA HIS B 128 -6.49 15.62 3.93
C HIS B 128 -7.47 15.28 2.82
N LEU B 129 -7.83 16.28 2.01
CA LEU B 129 -8.74 16.05 0.89
C LEU B 129 -8.26 14.89 0.04
N THR B 130 -6.97 14.91 -0.32
CA THR B 130 -6.40 13.83 -1.11
C THR B 130 -6.63 12.48 -0.43
N VAL B 131 -6.28 12.38 0.85
CA VAL B 131 -6.62 11.19 1.62
C VAL B 131 -8.10 10.88 1.48
N ARG B 132 -8.95 11.87 1.83
CA ARG B 132 -10.39 11.69 1.70
C ARG B 132 -10.76 11.24 0.30
N GLN B 133 -10.07 11.77 -0.71
CA GLN B 133 -10.37 11.39 -2.08
C GLN B 133 -10.17 9.88 -2.27
N GLN B 134 -9.00 9.36 -1.88
CA GLN B 134 -8.79 7.93 -1.99
C GLN B 134 -9.68 7.15 -1.05
N LEU B 135 -10.22 7.82 -0.02
CA LEU B 135 -11.21 7.21 0.85
C LEU B 135 -12.63 7.43 0.35
N THR B 136 -12.85 8.43 -0.51
CA THR B 136 -14.19 8.73 -0.99
C THR B 136 -14.81 7.52 -1.69
N MET B 137 -14.01 6.75 -2.41
CA MET B 137 -14.48 5.57 -3.12
C MET B 137 -14.57 4.37 -2.18
N PRO B 138 -15.78 4.00 -1.73
CA PRO B 138 -15.96 2.80 -0.88
C PRO B 138 -16.26 1.54 -1.70
N SER B 139 -15.44 1.29 -2.72
CA SER B 139 -15.63 0.16 -3.62
C SER B 139 -14.35 -0.65 -3.73
N ALA B 140 -14.30 -1.57 -4.70
CA ALA B 140 -13.16 -2.49 -4.86
C ALA B 140 -13.00 -3.33 -3.59
N LEU B 141 -14.08 -4.03 -3.25
CA LEU B 141 -14.13 -4.77 -2.00
C LEU B 141 -13.17 -5.95 -2.03
N ASP B 142 -12.48 -6.14 -0.91
CA ASP B 142 -11.40 -7.12 -0.76
C ASP B 142 -10.28 -6.91 -1.76
N ALA B 143 -10.25 -5.76 -2.42
CA ALA B 143 -9.16 -5.36 -3.30
C ALA B 143 -8.35 -4.27 -2.62
N ASP B 144 -7.12 -4.09 -3.09
CA ASP B 144 -6.15 -3.25 -2.40
C ASP B 144 -6.32 -1.79 -2.78
N ARG B 145 -5.72 -0.92 -1.95
CA ARG B 145 -5.59 0.49 -2.26
C ARG B 145 -4.29 0.99 -1.65
N LEU B 146 -3.71 2.01 -2.29
CA LEU B 146 -2.38 2.49 -1.94
C LEU B 146 -2.36 4.01 -2.07
N PHE B 147 -1.95 4.70 -1.00
CA PHE B 147 -1.90 6.15 -1.03
C PHE B 147 -0.72 6.68 -0.21
N ARG B 148 -0.31 7.89 -0.58
CA ARG B 148 0.81 8.60 0.03
C ARG B 148 0.28 9.70 0.92
N CYS B 149 0.78 9.79 2.15
CA CYS B 149 0.35 10.91 2.99
C CYS B 149 1.33 11.07 4.15
N ARG B 150 1.24 12.22 4.82
CA ARG B 150 2.10 12.51 5.96
C ARG B 150 1.35 12.31 7.27
N PHE B 151 2.13 12.12 8.34
CA PHE B 151 1.61 12.02 9.69
C PHE B 151 2.36 13.03 10.55
N ASN B 152 1.62 13.86 11.28
CA ASN B 152 2.21 14.93 12.07
C ASN B 152 3.30 14.37 12.98
N THR B 153 4.51 14.91 12.81
CA THR B 153 5.69 14.35 13.47
C THR B 153 5.90 14.99 14.85
N SER B 154 6.84 14.40 15.59
CA SER B 154 7.19 14.81 16.95
C SER B 154 8.15 16.01 16.90
N LYS B 155 7.58 17.17 16.61
CA LYS B 155 8.37 18.40 16.57
C LYS B 155 8.94 18.74 17.94
N GLY B 163 10.57 17.83 7.56
CA GLY B 163 9.27 18.01 8.20
C GLY B 163 8.59 16.69 8.52
N ASN B 164 7.26 16.71 8.54
CA ASN B 164 6.50 15.48 8.77
C ASN B 164 6.80 14.48 7.66
N LYS B 165 7.33 13.32 8.04
CA LYS B 165 7.82 12.37 7.05
C LYS B 165 6.67 11.79 6.23
N LEU B 166 6.88 11.74 4.91
CA LEU B 166 5.92 11.07 4.03
C LEU B 166 5.90 9.58 4.32
N VAL B 167 4.71 9.01 4.37
CA VAL B 167 4.51 7.60 4.67
C VAL B 167 3.63 7.00 3.57
N LEU B 168 4.05 5.84 3.07
CA LEU B 168 3.26 5.03 2.17
C LEU B 168 2.28 4.18 2.96
N ILE B 169 1.07 4.03 2.44
CA ILE B 169 0.04 3.24 3.09
C ILE B 169 -0.56 2.31 2.05
N ARG B 170 -0.54 1.01 2.31
CA ARG B 170 -1.17 0.02 1.45
C ARG B 170 -2.09 -0.83 2.31
N GLY B 171 -3.33 -1.03 1.85
CA GLY B 171 -4.25 -1.74 2.70
C GLY B 171 -5.47 -2.24 1.94
N ARG B 172 -6.32 -2.94 2.69
CA ARG B 172 -7.54 -3.50 2.15
C ARG B 172 -8.73 -3.13 3.02
N PHE B 173 -9.88 -2.93 2.36
CA PHE B 173 -11.17 -2.77 3.01
C PHE B 173 -11.75 -4.12 3.35
N HIS B 174 -12.59 -4.15 4.39
CA HIS B 174 -13.31 -5.38 4.71
C HIS B 174 -14.79 -5.09 4.93
N ALA B 175 -15.54 -6.12 5.35
CA ALA B 175 -16.99 -6.02 5.44
C ALA B 175 -17.40 -5.55 6.83
N HIS B 176 -18.30 -4.57 6.87
CA HIS B 176 -18.86 -4.15 8.15
C HIS B 176 -19.86 -5.18 8.64
N PRO B 177 -19.74 -5.67 9.87
CA PRO B 177 -20.72 -6.62 10.39
C PRO B 177 -22.07 -5.94 10.61
N PRO B 178 -23.15 -6.72 10.75
CA PRO B 178 -24.47 -6.10 10.96
C PRO B 178 -24.46 -5.09 12.10
N GLY B 179 -24.74 -3.84 11.77
CA GLY B 179 -24.68 -2.76 12.74
C GLY B 179 -25.16 -1.43 12.18
N ALA B 180 -25.97 -0.71 12.95
CA ALA B 180 -26.51 0.56 12.48
C ALA B 180 -25.42 1.60 12.30
N TYR B 181 -24.40 1.57 13.16
CA TYR B 181 -23.30 2.50 13.01
C TYR B 181 -22.41 2.10 11.83
N TRP B 182 -21.91 0.86 11.84
CA TRP B 182 -21.04 0.40 10.77
C TRP B 182 -21.74 0.39 9.41
N ALA B 183 -23.07 0.48 9.38
CA ALA B 183 -23.77 0.67 8.12
C ALA B 183 -23.34 1.99 7.49
N GLY B 184 -22.89 1.91 6.24
CA GLY B 184 -22.25 3.07 5.63
C GLY B 184 -20.88 3.36 6.21
N ASN B 185 -20.22 2.36 6.78
CA ASN B 185 -18.90 2.52 7.38
C ASN B 185 -18.19 1.18 7.47
N PRO B 186 -17.58 0.71 6.39
CA PRO B 186 -16.73 -0.48 6.47
C PRO B 186 -15.39 -0.15 7.12
N VAL B 187 -14.70 -1.18 7.51
CA VAL B 187 -13.40 -1.03 8.16
C VAL B 187 -12.31 -1.11 7.10
N PHE B 188 -11.23 -0.37 7.32
CA PHE B 188 -10.08 -0.39 6.42
C PHE B 188 -8.85 -0.66 7.25
N THR B 189 -8.15 -1.75 6.94
CA THR B 189 -6.89 -2.08 7.59
C THR B 189 -5.76 -1.82 6.61
N ALA B 190 -4.61 -1.39 7.13
CA ALA B 190 -3.53 -1.05 6.24
C ALA B 190 -2.19 -1.10 6.97
N PHE B 191 -1.17 -1.54 6.24
CA PHE B 191 0.21 -1.41 6.67
C PHE B 191 0.78 -0.12 6.11
N CYS B 192 1.51 0.61 6.95
CA CYS B 192 2.11 1.88 6.57
C CYS B 192 3.59 1.84 6.88
N ALA B 193 4.37 2.60 6.12
CA ALA B 193 5.81 2.60 6.24
C ALA B 193 6.38 3.93 5.78
N PRO B 194 7.31 4.52 6.54
CA PRO B 194 8.03 5.70 6.04
C PRO B 194 8.83 5.35 4.79
N LEU B 195 8.68 6.17 3.75
CA LEU B 195 9.28 5.82 2.46
C LEU B 195 10.72 6.29 2.35
N GLU B 196 10.99 7.57 2.62
CA GLU B 196 12.35 8.09 2.53
C GLU B 196 13.26 7.34 3.50
N PRO B 197 14.26 6.60 3.02
CA PRO B 197 15.12 5.77 3.87
C PRO B 197 16.35 6.49 4.40
N ALA B 217 12.14 -4.55 0.18
CA ALA B 217 11.05 -4.51 -0.79
C ALA B 217 11.22 -3.32 -1.72
N MET B 218 12.47 -3.00 -2.05
CA MET B 218 12.79 -1.81 -2.83
C MET B 218 14.00 -2.11 -3.70
N PHE B 219 14.06 -1.46 -4.86
CA PHE B 219 15.25 -1.48 -5.70
C PHE B 219 15.67 -0.05 -5.97
N GLN B 220 16.88 0.30 -5.54
CA GLN B 220 17.40 1.66 -5.65
C GLN B 220 18.12 1.82 -6.98
N SER B 221 17.93 2.97 -7.62
CA SER B 221 18.45 3.21 -8.96
C SER B 221 19.39 4.41 -8.93
N ARG B 222 20.60 4.22 -9.44
CA ARG B 222 21.56 5.31 -9.63
C ARG B 222 21.50 5.70 -11.11
N HIS B 223 20.87 6.84 -11.41
CA HIS B 223 20.68 7.29 -12.77
C HIS B 223 21.53 8.52 -13.05
N ALA B 224 21.94 8.67 -14.31
CA ALA B 224 22.66 9.83 -14.81
C ALA B 224 21.72 10.67 -15.66
N LYS B 225 22.29 11.72 -16.27
CA LYS B 225 21.47 12.64 -17.07
C LYS B 225 20.99 12.04 -18.37
N ASP B 226 21.38 10.81 -18.71
CA ASP B 226 20.85 10.11 -19.86
C ASP B 226 19.77 9.10 -19.48
N LEU B 227 19.32 9.12 -18.22
CA LEU B 227 18.36 8.16 -17.69
C LEU B 227 18.79 6.74 -18.01
N ALA B 228 20.10 6.50 -17.95
CA ALA B 228 20.70 5.19 -18.17
C ALA B 228 20.76 4.47 -16.83
N LEU B 229 21.56 3.40 -16.73
CA LEU B 229 21.61 2.58 -15.52
C LEU B 229 23.06 2.37 -15.11
N LEU B 230 23.48 3.05 -14.04
CA LEU B 230 24.80 2.81 -13.47
C LEU B 230 24.79 1.63 -12.52
N ASP B 231 24.02 1.73 -11.44
CA ASP B 231 23.96 0.69 -10.43
C ASP B 231 22.54 0.56 -9.92
N VAL B 232 22.12 -0.70 -9.77
CA VAL B 232 20.79 -1.04 -9.27
C VAL B 232 20.95 -1.88 -8.01
N SER B 233 19.91 -1.90 -7.20
CA SER B 233 19.88 -2.81 -6.06
C SER B 233 19.71 -4.23 -6.57
N GLU B 234 20.45 -5.16 -5.95
CA GLU B 234 20.43 -6.55 -6.39
C GLU B 234 19.02 -7.11 -6.39
N SER B 235 18.15 -6.61 -5.52
CA SER B 235 16.79 -7.15 -5.38
C SER B 235 15.98 -7.05 -6.67
N VAL B 236 16.37 -6.19 -7.61
CA VAL B 236 15.68 -6.16 -8.90
C VAL B 236 15.68 -7.54 -9.54
N LEU B 237 16.64 -8.40 -9.19
CA LEU B 237 16.70 -9.75 -9.74
C LEU B 237 15.42 -10.53 -9.48
N ILE B 238 14.74 -10.26 -8.37
CA ILE B 238 13.45 -10.92 -8.17
C ILE B 238 12.31 -10.05 -8.69
N TYR B 239 12.48 -8.72 -8.70
CA TYR B 239 11.40 -7.86 -9.17
C TYR B 239 11.23 -7.95 -10.68
N LEU B 240 12.34 -8.12 -11.41
CA LEU B 240 12.29 -8.12 -12.86
C LEU B 240 12.91 -9.35 -13.51
N GLY B 241 13.53 -10.24 -12.74
CA GLY B 241 14.22 -11.36 -13.34
C GLY B 241 15.41 -10.97 -14.17
N PHE B 242 16.09 -9.88 -13.81
CA PHE B 242 17.22 -9.36 -14.55
C PHE B 242 18.36 -9.09 -13.58
N GLU B 243 19.46 -9.82 -13.74
CA GLU B 243 20.60 -9.67 -12.84
C GLU B 243 21.28 -8.32 -13.05
N ARG B 244 21.89 -7.82 -11.98
CA ARG B 244 22.45 -6.47 -11.97
C ARG B 244 23.36 -6.21 -13.17
N SER B 245 24.24 -7.16 -13.49
CA SER B 245 25.16 -6.98 -14.61
C SER B 245 24.42 -6.83 -15.92
N GLU B 246 23.32 -7.56 -16.10
CA GLU B 246 22.55 -7.49 -17.33
C GLU B 246 21.99 -6.09 -17.59
N LEU B 247 21.83 -5.28 -16.54
CA LEU B 247 21.29 -3.93 -16.69
C LEU B 247 22.36 -2.86 -16.76
N LEU B 248 23.61 -3.18 -16.43
CA LEU B 248 24.69 -2.20 -16.48
C LEU B 248 24.80 -1.58 -17.86
N CYS B 249 24.63 -0.26 -17.91
CA CYS B 249 24.65 0.52 -19.15
C CYS B 249 23.55 0.05 -20.11
N LYS B 250 22.31 0.23 -19.67
CA LYS B 250 21.14 0.00 -20.51
C LYS B 250 20.12 1.09 -20.22
N SER B 251 19.63 1.74 -21.28
CA SER B 251 18.67 2.83 -21.12
C SER B 251 17.41 2.32 -20.43
N TRP B 252 17.13 2.85 -19.24
CA TRP B 252 15.94 2.44 -18.51
C TRP B 252 14.67 2.82 -19.27
N TYR B 253 14.75 3.84 -20.12
CA TYR B 253 13.68 4.12 -21.07
C TYR B 253 13.34 2.90 -21.92
N GLY B 254 14.31 2.00 -22.11
CA GLY B 254 14.09 0.78 -22.87
C GLY B 254 13.30 -0.26 -22.11
N LEU B 255 12.74 0.11 -20.97
CA LEU B 255 11.87 -0.77 -20.19
C LEU B 255 10.54 -0.12 -19.86
N LEU B 256 10.24 1.04 -20.44
CA LEU B 256 9.04 1.79 -20.11
C LEU B 256 7.87 1.38 -20.98
N HIS B 257 6.71 1.26 -20.36
CA HIS B 257 5.48 1.07 -21.12
C HIS B 257 5.28 2.26 -22.06
N PRO B 258 4.85 2.03 -23.30
CA PRO B 258 4.74 3.13 -24.27
C PRO B 258 3.67 4.16 -23.93
N GLU B 259 2.94 4.03 -22.81
CA GLU B 259 1.82 4.91 -22.51
C GLU B 259 2.16 5.96 -21.45
N ASP B 260 2.60 5.53 -20.26
CA ASP B 260 3.08 6.44 -19.22
C ASP B 260 4.44 7.07 -19.56
N LEU B 261 4.94 6.75 -20.75
CA LEU B 261 6.11 7.39 -21.32
C LEU B 261 6.08 8.91 -21.18
N ALA B 262 4.95 9.53 -21.51
CA ALA B 262 4.86 10.99 -21.50
C ALA B 262 5.02 11.55 -20.09
N GLN B 263 4.39 10.89 -19.11
CA GLN B 263 4.58 11.27 -17.71
C GLN B 263 6.06 11.25 -17.35
N ALA B 264 6.71 10.11 -17.58
CA ALA B 264 8.13 10.02 -17.25
C ALA B 264 8.96 11.06 -18.00
N SER B 265 8.57 11.38 -19.24
CA SER B 265 9.32 12.33 -20.05
C SER B 265 9.24 13.73 -19.47
N SER B 266 8.02 14.19 -19.15
CA SER B 266 7.89 15.49 -18.51
C SER B 266 8.61 15.54 -17.17
N GLN B 267 8.64 14.42 -16.45
CA GLN B 267 9.36 14.42 -15.18
C GLN B 267 10.88 14.55 -15.38
N HIS B 268 11.41 13.88 -16.40
CA HIS B 268 12.82 14.08 -16.74
C HIS B 268 13.08 15.51 -17.16
N TYR B 269 12.15 16.10 -17.92
CA TYR B 269 12.25 17.51 -18.27
C TYR B 269 12.42 18.39 -17.03
N ARG B 270 11.56 18.17 -16.03
CA ARG B 270 11.67 18.97 -14.81
C ARG B 270 12.98 18.70 -14.07
N LEU B 271 13.37 17.43 -13.97
CA LEU B 271 14.59 17.08 -13.26
C LEU B 271 15.84 17.60 -13.96
N LEU B 272 15.75 17.93 -15.25
CA LEU B 272 16.88 18.45 -15.99
C LEU B 272 16.93 19.98 -16.05
N ALA B 273 15.79 20.63 -16.27
CA ALA B 273 15.78 22.06 -16.54
C ALA B 273 16.27 22.91 -15.37
N GLU B 274 16.29 22.35 -14.16
CA GLU B 274 16.65 23.13 -12.98
C GLU B 274 17.98 22.64 -12.41
N SER B 275 18.46 23.38 -11.41
CA SER B 275 19.74 23.12 -10.77
C SER B 275 19.56 23.26 -9.26
N GLY B 276 19.59 22.13 -8.57
CA GLY B 276 19.37 22.12 -7.13
C GLY B 276 18.84 20.77 -6.69
N ASP B 277 18.43 20.72 -5.42
CA ASP B 277 17.85 19.50 -4.85
C ASP B 277 16.38 19.43 -5.28
N ILE B 278 16.18 18.99 -6.53
CA ILE B 278 14.85 18.88 -7.12
C ILE B 278 14.35 17.46 -6.94
N GLN B 279 13.07 17.34 -6.57
CA GLN B 279 12.45 16.06 -6.30
C GLN B 279 11.49 15.70 -7.43
N ALA B 280 11.18 14.41 -7.55
CA ALA B 280 10.33 13.93 -8.63
C ALA B 280 9.62 12.66 -8.20
N GLU B 281 8.42 12.47 -8.73
CA GLU B 281 7.61 11.28 -8.51
C GLU B 281 7.18 10.70 -9.85
N MET B 282 6.88 9.40 -9.86
CA MET B 282 6.63 8.72 -11.12
C MET B 282 5.84 7.45 -10.90
N VAL B 283 4.84 7.22 -11.75
CA VAL B 283 4.08 5.97 -11.83
C VAL B 283 4.35 5.37 -13.20
N VAL B 284 4.94 4.17 -13.22
CA VAL B 284 5.43 3.58 -14.46
C VAL B 284 5.11 2.09 -14.50
N ARG B 285 5.24 1.50 -15.69
CA ARG B 285 5.09 0.08 -15.90
C ARG B 285 6.36 -0.47 -16.57
N LEU B 286 6.83 -1.61 -16.09
CA LEU B 286 8.03 -2.23 -16.64
C LEU B 286 7.75 -3.68 -17.01
N GLN B 287 8.41 -4.12 -18.08
CA GLN B 287 8.30 -5.48 -18.61
C GLN B 287 9.19 -6.40 -17.79
N ALA B 288 9.39 -7.64 -18.27
CA ALA B 288 10.17 -8.61 -17.52
C ALA B 288 10.85 -9.57 -18.47
N LYS B 289 11.82 -10.31 -17.94
CA LYS B 289 12.52 -11.34 -18.71
C LYS B 289 11.57 -12.46 -19.11
N HIS B 290 10.93 -13.08 -18.11
CA HIS B 290 9.91 -14.10 -18.36
C HIS B 290 8.67 -13.53 -19.05
N GLY B 291 8.61 -12.22 -19.30
CA GLY B 291 7.42 -11.59 -19.81
C GLY B 291 6.50 -11.15 -18.69
N GLY B 292 5.50 -10.37 -19.06
CA GLY B 292 4.56 -9.84 -18.10
C GLY B 292 4.79 -8.37 -17.80
N TRP B 293 4.10 -7.91 -16.76
CA TRP B 293 4.12 -6.49 -16.40
C TRP B 293 4.12 -6.34 -14.90
N THR B 294 4.94 -5.42 -14.39
CA THR B 294 5.00 -5.12 -12.97
C THR B 294 5.09 -3.61 -12.78
N TRP B 295 3.99 -2.99 -12.37
CA TRP B 295 3.97 -1.55 -12.15
C TRP B 295 4.92 -1.17 -11.02
N ILE B 296 5.56 0.00 -11.16
CA ILE B 296 6.50 0.51 -10.17
C ILE B 296 6.18 1.98 -9.89
N TYR B 297 6.50 2.40 -8.66
CA TYR B 297 6.38 3.78 -8.22
C TYR B 297 7.78 4.28 -7.87
N CYS B 298 8.26 5.26 -8.60
CA CYS B 298 9.64 5.73 -8.46
C CYS B 298 9.66 7.16 -7.92
N MET B 299 10.66 7.45 -7.09
CA MET B 299 10.88 8.79 -6.57
C MET B 299 12.35 9.14 -6.73
N LEU B 300 12.62 10.42 -6.98
CA LEU B 300 13.96 10.87 -7.32
C LEU B 300 14.29 12.15 -6.56
N TYR B 301 15.55 12.28 -6.16
CA TYR B 301 16.05 13.54 -5.62
C TYR B 301 17.47 13.78 -6.14
N SER B 302 17.72 15.02 -6.55
CA SER B 302 18.97 15.39 -7.20
C SER B 302 20.04 15.70 -6.18
N GLU B 303 21.14 14.94 -6.21
CA GLU B 303 22.24 15.18 -5.28
C GLU B 303 22.98 16.46 -5.62
N GLY B 304 23.51 16.54 -6.85
CA GLY B 304 24.22 17.73 -7.29
C GLY B 304 23.74 18.19 -8.65
N PRO B 305 24.10 19.42 -9.03
CA PRO B 305 23.74 19.89 -10.38
C PRO B 305 24.39 19.06 -11.47
N GLU B 306 25.52 18.42 -11.18
CA GLU B 306 26.10 17.41 -12.04
C GLU B 306 26.20 16.04 -11.38
N GLY B 307 26.13 15.96 -10.06
CA GLY B 307 26.23 14.71 -9.34
C GLY B 307 25.14 13.72 -9.74
N PRO B 308 25.35 12.45 -9.40
CA PRO B 308 24.41 11.41 -9.83
C PRO B 308 23.04 11.59 -9.18
N ILE B 309 22.02 11.21 -9.93
CA ILE B 309 20.64 11.31 -9.46
C ILE B 309 20.27 9.97 -8.82
N THR B 310 20.02 9.98 -7.52
CA THR B 310 19.62 8.79 -6.80
C THR B 310 18.10 8.67 -6.80
N ALA B 311 17.61 7.44 -6.79
CA ALA B 311 16.16 7.22 -6.84
C ALA B 311 15.80 5.97 -6.05
N ASN B 312 14.62 6.03 -5.43
CA ASN B 312 14.04 4.92 -4.68
C ASN B 312 12.79 4.45 -5.41
N ASN B 313 12.74 3.16 -5.72
CA ASN B 313 11.60 2.56 -6.40
C ASN B 313 10.89 1.57 -5.47
N TYR B 314 9.58 1.41 -5.70
CA TYR B 314 8.75 0.54 -4.88
C TYR B 314 7.73 -0.15 -5.77
N PRO B 315 7.64 -1.48 -5.73
CA PRO B 315 6.68 -2.19 -6.58
C PRO B 315 5.27 -2.15 -5.98
N ILE B 316 4.29 -2.19 -6.87
CA ILE B 316 2.88 -2.04 -6.52
C ILE B 316 2.06 -3.02 -7.36
N SER B 317 0.75 -3.00 -7.14
CA SER B 317 -0.22 -3.77 -7.90
C SER B 317 -1.00 -2.83 -8.81
N ASP B 318 -1.92 -3.40 -9.59
CA ASP B 318 -2.65 -2.64 -10.60
C ASP B 318 -3.39 -1.45 -9.97
N THR B 319 -4.34 -1.74 -9.07
CA THR B 319 -5.05 -0.66 -8.39
C THR B 319 -4.11 0.14 -7.50
N GLU B 320 -3.07 -0.50 -6.97
CA GLU B 320 -2.02 0.17 -6.21
C GLU B 320 -1.21 1.13 -7.07
N ALA B 321 -1.49 1.20 -8.36
CA ALA B 321 -1.06 2.31 -9.22
C ALA B 321 -2.22 3.21 -9.60
N TRP B 322 -3.44 2.67 -9.66
CA TRP B 322 -4.61 3.48 -9.97
C TRP B 322 -4.79 4.60 -8.95
N SER B 323 -4.83 4.25 -7.66
CA SER B 323 -5.05 5.27 -6.64
C SER B 323 -3.94 6.30 -6.64
N LEU B 324 -2.71 5.86 -6.87
CA LEU B 324 -1.59 6.80 -6.97
C LEU B 324 -1.77 7.74 -8.16
N ARG B 325 -2.28 7.23 -9.28
CA ARG B 325 -2.53 8.08 -10.43
C ARG B 325 -3.58 9.14 -10.11
N GLN B 326 -4.64 8.74 -9.40
CA GLN B 326 -5.64 9.73 -8.98
C GLN B 326 -5.02 10.81 -8.11
N GLN B 327 -4.30 10.42 -7.05
CA GLN B 327 -3.68 11.38 -6.16
C GLN B 327 -2.69 12.28 -6.91
N LEU B 328 -1.92 11.70 -7.82
CA LEU B 328 -0.93 12.46 -8.58
C LEU B 328 -1.59 13.50 -9.46
N ASN B 329 -2.54 13.07 -10.30
CA ASN B 329 -3.24 14.01 -11.16
C ASN B 329 -3.93 15.11 -10.34
N SER B 330 -4.49 14.75 -9.19
CA SER B 330 -5.09 15.75 -8.31
C SER B 330 -4.05 16.76 -7.85
N GLU B 331 -2.89 16.28 -7.40
CA GLU B 331 -1.79 17.17 -7.02
C GLU B 331 -1.37 18.08 -8.15
N ASP B 332 -1.64 17.70 -9.40
CA ASP B 332 -1.33 18.53 -10.56
C ASP B 332 -2.50 19.40 -11.00
N THR B 333 -3.73 19.08 -10.56
CA THR B 333 -4.88 19.92 -10.91
C THR B 333 -4.77 21.30 -10.29
N GLN B 334 -4.33 21.38 -9.03
CA GLN B 334 -4.24 22.67 -8.36
C GLN B 334 -3.33 23.63 -9.10
N ALA B 335 -2.29 23.11 -9.75
CA ALA B 335 -1.39 23.95 -10.54
C ALA B 335 -2.09 24.46 -11.79
#